data_6U50
#
_entry.id   6U50
#
_cell.length_a   47.839
_cell.length_b   47.839
_cell.length_c   85.378
_cell.angle_alpha   90.000
_cell.angle_beta   90.000
_cell.angle_gamma   120.000
#
_symmetry.space_group_name_H-M   'P 31 2 1'
#
loop_
_entity.id
_entity.type
_entity.pdbx_description
1 polymer 'Anti-Sudan ebolavirus Nucleoprotein Single Domain Antibody Sudan B (SB)'
2 non-polymer (4S)-2-METHYL-2,4-PENTANEDIOL
3 water water
#
_entity_poly.entity_id   1
_entity_poly.type   'polypeptide(L)'
_entity_poly.pdbx_seq_one_letter_code
;QVKLQQSGGGSVQEGGSLRLSCASSGAFFRAGPMGWYRRAPGNERELVAGISRNGRTIYAPSLKDRFTISRDDDNNILYL
QMSDLTPGDTAVYYCNLNVRTAVAGRNDYWGQGTQVTVSS
;
_entity_poly.pdbx_strand_id   C
#
# COMPACT_ATOMS: atom_id res chain seq x y z
N VAL A 2 0.12 -7.19 -16.89
CA VAL A 2 0.33 -7.15 -15.44
C VAL A 2 -0.90 -6.62 -14.71
N LYS A 3 -1.20 -7.23 -13.58
CA LYS A 3 -2.31 -6.82 -12.74
C LYS A 3 -1.87 -6.88 -11.28
N LEU A 4 -2.28 -5.88 -10.52
CA LEU A 4 -2.08 -5.84 -9.09
C LEU A 4 -3.43 -6.12 -8.43
N GLN A 5 -3.47 -7.15 -7.59
CA GLN A 5 -4.69 -7.54 -6.89
C GLN A 5 -4.49 -7.32 -5.41
N GLN A 6 -5.40 -6.58 -4.78
CA GLN A 6 -5.29 -6.20 -3.39
C GLN A 6 -6.27 -6.98 -2.52
N SER A 7 -5.91 -7.15 -1.24
CA SER A 7 -6.77 -7.77 -0.26
C SER A 7 -6.42 -7.29 1.15
N GLY A 8 -7.28 -7.66 2.12
CA GLY A 8 -6.97 -7.52 3.54
C GLY A 8 -7.62 -6.35 4.28
N GLY A 9 -8.47 -5.59 3.63
CA GLY A 9 -9.02 -4.36 4.21
C GLY A 9 -10.46 -4.53 4.66
N GLY A 10 -11.22 -3.45 4.52
CA GLY A 10 -12.62 -3.51 4.94
C GLY A 10 -12.86 -2.81 6.26
N SER A 11 -13.91 -3.24 6.95
CA SER A 11 -14.29 -2.63 8.21
C SER A 11 -13.45 -3.17 9.35
N VAL A 12 -13.07 -2.27 10.26
CA VAL A 12 -12.19 -2.60 11.37
C VAL A 12 -12.50 -1.64 12.51
N GLN A 13 -12.50 -2.15 13.73
CA GLN A 13 -12.77 -1.31 14.89
C GLN A 13 -11.57 -0.41 15.22
N GLU A 14 -11.87 0.75 15.79
CA GLU A 14 -10.81 1.64 16.23
C GLU A 14 -9.88 0.90 17.19
N GLY A 15 -8.58 1.18 17.07
CA GLY A 15 -7.55 0.51 17.84
C GLY A 15 -7.07 -0.78 17.23
N GLY A 16 -7.77 -1.28 16.20
CA GLY A 16 -7.44 -2.52 15.52
C GLY A 16 -6.29 -2.35 14.53
N SER A 17 -6.02 -3.45 13.82
CA SER A 17 -4.90 -3.50 12.88
C SER A 17 -5.29 -4.36 11.68
N LEU A 18 -4.66 -4.07 10.55
CA LEU A 18 -4.90 -4.76 9.30
C LEU A 18 -3.56 -5.04 8.65
N ARG A 19 -3.53 -6.07 7.81
CA ARG A 19 -2.40 -6.27 6.90
C ARG A 19 -2.94 -6.33 5.48
N LEU A 20 -2.73 -5.26 4.71
CA LEU A 20 -3.11 -5.27 3.32
C LEU A 20 -2.09 -6.03 2.50
N SER A 21 -2.55 -6.67 1.45
CA SER A 21 -1.67 -7.38 0.54
C SER A 21 -1.93 -6.88 -0.88
N CYS A 22 -0.88 -6.94 -1.70
CA CYS A 22 -0.90 -6.52 -3.09
C CYS A 22 -0.09 -7.55 -3.83
N ALA A 23 -0.73 -8.34 -4.68
CA ALA A 23 -0.08 -9.44 -5.39
C ALA A 23 0.02 -9.05 -6.85
N SER A 24 1.21 -9.18 -7.41
CA SER A 24 1.48 -8.79 -8.80
C SER A 24 1.47 -10.05 -9.65
N SER A 25 0.34 -10.30 -10.30
CA SER A 25 0.16 -11.49 -11.10
C SER A 25 0.70 -11.28 -12.52
N ALA A 31 12.43 -6.20 -9.38
CA ALA A 31 11.34 -5.96 -10.32
C ALA A 31 11.22 -4.45 -10.55
N GLY A 32 10.82 -3.75 -9.50
CA GLY A 32 10.75 -2.30 -9.52
C GLY A 32 10.32 -1.81 -8.15
N PRO A 33 10.43 -0.52 -7.89
CA PRO A 33 9.94 0.02 -6.63
C PRO A 33 8.41 -0.09 -6.56
N MET A 34 7.91 -0.17 -5.34
CA MET A 34 6.48 -0.24 -5.11
C MET A 34 6.11 0.71 -3.99
N GLY A 35 4.83 1.07 -3.92
CA GLY A 35 4.37 1.95 -2.87
C GLY A 35 2.90 1.74 -2.56
N TRP A 36 2.56 2.13 -1.34
CA TRP A 36 1.18 2.23 -0.86
C TRP A 36 0.79 3.70 -0.73
N TYR A 37 -0.40 4.03 -1.26
CA TYR A 37 -0.97 5.36 -1.20
C TYR A 37 -2.36 5.24 -0.61
N ARG A 38 -2.89 6.35 -0.12
CA ARG A 38 -4.27 6.35 0.32
C ARG A 38 -4.93 7.66 -0.08
N ARG A 39 -6.24 7.58 -0.25
CA ARG A 39 -7.04 8.76 -0.55
C ARG A 39 -8.35 8.70 0.23
N ALA A 40 -8.50 9.66 1.13
CA ALA A 40 -9.72 9.84 1.88
C ALA A 40 -10.68 10.69 1.08
N PRO A 41 -11.97 10.62 1.38
CA PRO A 41 -12.95 11.43 0.65
C PRO A 41 -12.61 12.89 0.76
N GLY A 42 -12.62 13.58 -0.38
CA GLY A 42 -12.37 15.00 -0.41
C GLY A 42 -10.93 15.40 -0.18
N ASN A 43 -9.99 14.48 -0.32
CA ASN A 43 -8.59 14.83 -0.17
C ASN A 43 -7.78 14.28 -1.33
N GLU A 44 -6.57 14.82 -1.47
CA GLU A 44 -5.65 14.35 -2.50
C GLU A 44 -4.98 13.05 -2.05
N ARG A 45 -4.39 12.38 -3.02
CA ARG A 45 -3.62 11.17 -2.75
C ARG A 45 -2.46 11.48 -1.82
N GLU A 46 -2.13 10.54 -0.95
CA GLU A 46 -0.92 10.70 -0.15
C GLU A 46 -0.14 9.40 -0.10
N LEU A 47 1.19 9.52 -0.22
CA LEU A 47 2.07 8.38 -0.07
C LEU A 47 2.08 7.95 1.39
N VAL A 48 1.83 6.68 1.64
CA VAL A 48 2.01 6.11 2.97
C VAL A 48 3.40 5.54 3.14
N ALA A 49 3.83 4.69 2.22
CA ALA A 49 5.15 4.08 2.31
C ALA A 49 5.57 3.57 0.94
N GLY A 50 6.88 3.53 0.68
CA GLY A 50 7.39 2.96 -0.54
C GLY A 50 8.58 2.07 -0.24
N ILE A 51 8.88 1.17 -1.17
CA ILE A 51 10.01 0.26 -1.00
C ILE A 51 10.72 0.10 -2.34
N SER A 52 12.05 0.20 -2.32
CA SER A 52 12.84 0.06 -3.54
C SER A 52 13.00 -1.42 -3.92
N ARG A 53 13.51 -1.62 -5.13
CA ARG A 53 13.78 -2.99 -5.56
C ARG A 53 14.65 -3.71 -4.54
N ASN A 54 15.64 -3.01 -3.99
CA ASN A 54 16.59 -3.61 -3.06
C ASN A 54 16.12 -3.58 -1.62
N GLY A 55 14.90 -3.07 -1.35
CA GLY A 55 14.32 -3.12 -0.03
C GLY A 55 14.45 -1.87 0.81
N ARG A 56 15.01 -0.78 0.27
CA ARG A 56 15.07 0.47 1.03
C ARG A 56 13.67 1.05 1.15
N THR A 57 13.32 1.50 2.34
CA THR A 57 11.95 1.96 2.60
C THR A 57 11.91 3.44 2.91
N ILE A 58 10.79 4.06 2.52
CA ILE A 58 10.50 5.44 2.88
C ILE A 58 9.05 5.52 3.35
N TYR A 59 8.81 6.37 4.36
CA TYR A 59 7.50 6.51 4.97
C TYR A 59 7.08 7.98 5.02
N ALA A 60 5.77 8.21 4.94
CA ALA A 60 5.25 9.49 5.39
C ALA A 60 5.72 9.70 6.85
N PRO A 61 6.40 10.81 7.17
CA PRO A 61 6.96 10.92 8.53
C PRO A 61 5.96 10.66 9.63
N SER A 62 4.72 11.13 9.49
CA SER A 62 3.76 11.03 10.58
C SER A 62 3.10 9.66 10.67
N LEU A 63 3.37 8.77 9.71
CA LEU A 63 2.77 7.45 9.70
C LEU A 63 3.77 6.35 10.03
N LYS A 64 5.03 6.68 10.07
CA LYS A 64 6.05 5.71 10.30
C LYS A 64 5.90 4.86 11.52
N ASP A 65 5.38 5.43 12.57
CA ASP A 65 5.26 4.68 13.82
C ASP A 65 4.16 3.63 13.82
N ARG A 66 3.20 3.72 12.90
CA ARG A 66 2.06 2.79 12.88
C ARG A 66 1.96 1.95 11.61
N PHE A 67 2.74 2.26 10.58
CA PHE A 67 2.65 1.56 9.30
C PHE A 67 4.01 0.94 8.98
N THR A 68 3.98 -0.28 8.44
CA THR A 68 5.18 -0.94 7.97
C THR A 68 4.95 -1.56 6.59
N ILE A 69 5.85 -1.27 5.65
CA ILE A 69 5.80 -1.84 4.32
C ILE A 69 6.84 -2.94 4.25
N SER A 70 6.51 -4.03 3.56
CA SER A 70 7.44 -5.12 3.32
C SER A 70 7.06 -5.81 2.03
N ARG A 71 8.01 -6.52 1.45
CA ARG A 71 7.79 -7.25 0.21
C ARG A 71 8.33 -8.66 0.37
N ASP A 72 7.49 -9.63 0.00
CA ASP A 72 7.84 -11.05 0.00
C ASP A 72 8.30 -11.39 -1.42
N ASP A 73 9.60 -11.62 -1.57
CA ASP A 73 10.11 -11.94 -2.89
C ASP A 73 9.97 -13.41 -3.28
N ASP A 74 9.71 -14.27 -2.34
CA ASP A 74 9.49 -15.64 -2.68
C ASP A 74 8.08 -15.78 -3.29
N ASN A 75 7.07 -15.11 -2.74
CA ASN A 75 5.70 -15.22 -3.27
C ASN A 75 5.23 -14.08 -4.16
N ASN A 76 5.98 -13.01 -4.23
CA ASN A 76 5.60 -11.86 -5.04
C ASN A 76 4.39 -11.17 -4.42
N ILE A 77 4.52 -10.77 -3.15
CA ILE A 77 3.45 -10.08 -2.44
C ILE A 77 4.02 -8.88 -1.70
N LEU A 78 3.37 -7.74 -1.86
CA LEU A 78 3.69 -6.54 -1.10
C LEU A 78 2.66 -6.40 0.01
N TYR A 79 3.12 -6.00 1.20
CA TYR A 79 2.26 -5.89 2.38
C TYR A 79 2.32 -4.49 2.98
N LEU A 80 1.23 -4.08 3.59
CA LEU A 80 1.20 -2.89 4.44
C LEU A 80 0.54 -3.30 5.77
N GLN A 81 1.34 -3.34 6.82
CA GLN A 81 0.83 -3.54 8.17
C GLN A 81 0.44 -2.17 8.72
N MET A 82 -0.77 -2.06 9.24
CA MET A 82 -1.25 -0.79 9.77
C MET A 82 -1.95 -1.02 11.11
N SER A 83 -1.51 -0.30 12.15
CA SER A 83 -1.91 -0.59 13.52
C SER A 83 -2.46 0.64 14.23
N ASP A 84 -3.10 0.39 15.38
CA ASP A 84 -3.66 1.45 16.22
C ASP A 84 -4.54 2.41 15.41
N LEU A 85 -5.44 1.84 14.61
CA LEU A 85 -6.17 2.66 13.64
C LEU A 85 -7.23 3.54 14.31
N THR A 86 -7.50 4.68 13.68
CA THR A 86 -8.65 5.52 13.97
C THR A 86 -9.34 5.88 12.67
N PRO A 87 -10.51 6.53 12.75
CA PRO A 87 -11.16 7.03 11.53
C PRO A 87 -10.28 7.93 10.68
N GLY A 88 -9.22 8.51 11.26
CA GLY A 88 -8.29 9.28 10.46
C GLY A 88 -7.63 8.46 9.38
N ASP A 89 -7.64 7.13 9.51
CA ASP A 89 -7.06 6.20 8.56
C ASP A 89 -8.09 5.63 7.57
N THR A 90 -9.35 5.97 7.72
CA THR A 90 -10.34 5.55 6.74
C THR A 90 -9.99 6.18 5.40
N ALA A 91 -9.97 5.36 4.36
CA ALA A 91 -9.57 5.82 3.03
C ALA A 91 -9.56 4.62 2.09
N VAL A 92 -9.42 4.90 0.79
CA VAL A 92 -9.10 3.86 -0.18
C VAL A 92 -7.58 3.79 -0.27
N TYR A 93 -7.04 2.59 -0.10
CA TYR A 93 -5.61 2.33 -0.14
C TYR A 93 -5.25 1.67 -1.46
N TYR A 94 -4.18 2.14 -2.09
CA TYR A 94 -3.78 1.66 -3.39
C TYR A 94 -2.32 1.25 -3.37
N CYS A 95 -2.01 0.13 -4.01
N CYS A 95 -2.02 0.18 -4.10
CA CYS A 95 -0.62 -0.22 -4.27
CA CYS A 95 -0.67 -0.31 -4.31
C CYS A 95 -0.22 0.15 -5.69
C CYS A 95 -0.21 0.06 -5.72
N ASN A 96 1.07 0.44 -5.84
CA ASN A 96 1.64 0.91 -7.10
C ASN A 96 2.93 0.15 -7.34
N LEU A 97 3.18 -0.20 -8.58
CA LEU A 97 4.43 -0.80 -9.03
C LEU A 97 4.87 -0.01 -10.26
N ASN A 98 6.06 0.57 -10.21
CA ASN A 98 6.55 1.40 -11.29
C ASN A 98 7.87 0.85 -11.79
N VAL A 99 7.92 0.46 -13.06
CA VAL A 99 9.05 -0.31 -13.57
C VAL A 99 9.66 0.39 -14.77
N ARG A 100 10.90 0.02 -15.03
CA ARG A 100 11.59 0.45 -16.23
C ARG A 100 12.35 -0.77 -16.73
N THR A 101 11.99 -1.26 -17.91
CA THR A 101 12.63 -2.46 -18.46
C THR A 101 13.31 -2.11 -19.77
N ALA A 102 14.02 -3.10 -20.32
CA ALA A 102 14.78 -2.89 -21.55
C ALA A 102 13.89 -2.93 -22.77
N VAL A 103 13.01 -3.94 -22.85
CA VAL A 103 12.14 -4.08 -24.02
C VAL A 103 11.05 -3.02 -24.02
N ALA A 104 10.29 -2.95 -22.93
CA ALA A 104 9.05 -2.18 -22.90
C ALA A 104 9.24 -0.75 -22.45
N GLY A 105 10.36 -0.44 -21.79
CA GLY A 105 10.55 0.89 -21.25
C GLY A 105 9.85 1.03 -19.92
N ARG A 106 9.17 2.15 -19.73
CA ARG A 106 8.53 2.44 -18.45
C ARG A 106 7.09 1.94 -18.43
N ASN A 107 6.70 1.40 -17.29
CA ASN A 107 5.31 1.01 -17.07
C ASN A 107 4.93 1.30 -15.63
N ASP A 108 3.66 1.64 -15.45
CA ASP A 108 3.12 2.10 -14.18
C ASP A 108 1.84 1.32 -13.91
N TYR A 109 1.80 0.57 -12.82
CA TYR A 109 0.67 -0.31 -12.56
C TYR A 109 0.08 -0.01 -11.19
N TRP A 110 -1.24 -0.04 -11.10
CA TRP A 110 -1.93 0.27 -9.85
C TRP A 110 -2.96 -0.81 -9.55
N GLY A 111 -3.11 -1.11 -8.27
CA GLY A 111 -4.19 -1.97 -7.83
C GLY A 111 -5.51 -1.26 -7.91
N GLN A 112 -6.56 -2.03 -7.71
CA GLN A 112 -7.92 -1.56 -7.84
C GLN A 112 -8.34 -0.67 -6.67
N GLY A 113 -7.61 -0.70 -5.58
CA GLY A 113 -7.99 0.03 -4.40
C GLY A 113 -8.74 -0.86 -3.42
N THR A 114 -8.46 -0.62 -2.13
CA THR A 114 -9.06 -1.34 -1.01
C THR A 114 -9.64 -0.30 -0.05
N GLN A 115 -10.95 -0.32 0.12
CA GLN A 115 -11.54 0.51 1.15
C GLN A 115 -11.18 -0.02 2.53
N VAL A 116 -10.73 0.89 3.39
CA VAL A 116 -10.56 0.64 4.82
C VAL A 116 -11.47 1.61 5.55
N THR A 117 -12.35 1.08 6.39
CA THR A 117 -13.28 1.92 7.15
C THR A 117 -13.14 1.59 8.62
N VAL A 118 -12.61 2.53 9.38
CA VAL A 118 -12.40 2.33 10.81
C VAL A 118 -13.63 2.86 11.55
N SER A 119 -14.25 2.00 12.34
CA SER A 119 -15.47 2.40 13.05
C SER A 119 -15.13 2.77 14.48
N SER A 120 -15.62 3.92 14.92
CA SER A 120 -15.37 4.38 16.29
C SER A 120 -16.63 4.34 17.15
#